data_3S7B
#
_entry.id   3S7B
#
_cell.length_a   155.860
_cell.length_b   155.860
_cell.length_c   52.830
_cell.angle_alpha   90.00
_cell.angle_beta   90.00
_cell.angle_gamma   90.00
#
_symmetry.space_group_name_H-M   'I 4'
#
loop_
_entity.id
_entity.type
_entity.pdbx_description
1 polymer 'N-lysine methyltransferase SMYD2'
2 non-polymer S-ADENOSYLMETHIONINE
3 non-polymer (R,R)-2,3-BUTANEDIOL
4 non-polymer N-cyclohexyl-N~3~-[2-(3,4-dichlorophenyl)ethyl]-N-(2-{[2-(5-hydroxy-3-oxo-3,4-dihydro-2H-1,4-benzoxazin-8-yl)ethyl]amino}ethyl)-beta-alaninamide
5 non-polymer 'ZINC ION'
6 water water
#
_entity_poly.entity_id   1
_entity_poly.type   'polypeptide(L)'
_entity_poly.pdbx_seq_one_letter_code
;MRAEGLGGLERFCSPGKGRGLRALQPFQVGDLLFSCPAYAYVLTVNERGNHCEYCFTRKEGLSKCGRCKQAFYCNVECQK
EDWPMHKLECSPMVVFGENWNPSETVRLTARILAKQKIHPERTPSEKLLAVKEFESHLDKLDNEKKDLIQSDIAALHHFY
SKHLEFPDNDSLVVLFAQVNCNGFTIEDEELSHLGSAIFPDVALMNHSCCPNVIVTYKGTLAEVRAVQEIKPGEEVFTSY
IDLLYPTEDRNDRLRDSYFFTCECQECTTKDKDKAKVEIRKLSDPPKAEAIRDMVRYARNVIEEFRRAKHYKSPSELLEI
CELSQEKMSSVFEDSNVYMLHMMYQAMGVCLYMQDWEGALQYGQKIIKPYSKHYPLYSLNVASMWLKLGRLYMGLEHKAA
GEKALKKAIAIMEVAHGKDHPYISEIKQEIESH
;
_entity_poly.pdbx_strand_id   A
#
# COMPACT_ATOMS: atom_id res chain seq x y z
N GLY A 5 -16.24 12.16 18.63
CA GLY A 5 -15.11 12.28 17.72
C GLY A 5 -13.81 11.70 18.26
N LEU A 6 -12.65 12.31 17.88
CA LEU A 6 -11.28 11.91 18.30
C LEU A 6 -10.60 13.08 19.02
N GLY A 7 -10.15 12.84 20.24
CA GLY A 7 -9.46 13.85 21.04
C GLY A 7 -8.29 14.53 20.34
N GLY A 8 -8.21 15.86 20.46
CA GLY A 8 -7.16 16.66 19.84
C GLY A 8 -7.27 16.81 18.34
N LEU A 9 -8.35 16.33 17.73
CA LEU A 9 -8.57 16.41 16.29
C LEU A 9 -10.05 16.74 15.97
N GLU A 10 -10.33 17.12 14.71
CA GLU A 10 -11.70 17.37 14.25
C GLU A 10 -11.84 17.31 12.75
N ARG A 11 -13.05 16.96 12.31
CA ARG A 11 -13.46 16.97 10.92
C ARG A 11 -13.76 18.44 10.59
N PHE A 12 -13.41 18.86 9.37
CA PHE A 12 -13.65 20.22 8.89
C PHE A 12 -13.78 20.22 7.36
N CYS A 13 -14.18 21.36 6.80
CA CYS A 13 -14.28 21.56 5.36
C CYS A 13 -12.99 22.17 4.89
N SER A 14 -12.23 21.38 4.15
CA SER A 14 -10.94 21.78 3.62
C SER A 14 -11.19 22.45 2.25
N PRO A 15 -10.89 23.77 2.12
CA PRO A 15 -11.16 24.46 0.84
C PRO A 15 -10.52 23.79 -0.38
N GLY A 16 -11.37 23.38 -1.32
CA GLY A 16 -10.95 22.67 -2.53
C GLY A 16 -10.59 21.22 -2.32
N LYS A 17 -10.79 20.67 -1.10
CA LYS A 17 -10.43 19.27 -0.76
C LYS A 17 -11.54 18.55 0.02
N GLY A 18 -12.76 19.03 -0.09
CA GLY A 18 -13.95 18.46 0.55
C GLY A 18 -13.81 18.44 2.06
N ARG A 19 -14.05 17.27 2.68
CA ARG A 19 -13.89 17.14 4.14
C ARG A 19 -12.47 16.67 4.45
N GLY A 20 -11.96 17.14 5.56
CA GLY A 20 -10.63 16.78 6.00
C GLY A 20 -10.51 16.67 7.50
N LEU A 21 -9.29 16.33 7.95
CA LEU A 21 -8.96 16.19 9.36
C LEU A 21 -8.03 17.32 9.77
N ARG A 22 -8.36 18.01 10.86
CA ARG A 22 -7.62 19.15 11.38
C ARG A 22 -7.16 18.89 12.83
N ALA A 23 -5.94 19.32 13.16
CA ALA A 23 -5.37 19.22 14.50
C ALA A 23 -5.89 20.34 15.40
N LEU A 24 -6.13 20.01 16.67
CA LEU A 24 -6.60 20.99 17.67
C LEU A 24 -5.58 21.10 18.81
N GLN A 25 -4.50 20.34 18.69
CA GLN A 25 -3.42 20.33 19.67
C GLN A 25 -2.12 20.07 18.90
N PRO A 26 -0.94 20.39 19.46
CA PRO A 26 0.29 20.06 18.74
C PRO A 26 0.57 18.57 18.77
N PHE A 27 1.20 18.06 17.70
CA PHE A 27 1.68 16.68 17.59
C PHE A 27 3.17 16.76 17.22
N GLN A 28 4.03 16.05 17.96
CA GLN A 28 5.46 16.00 17.66
C GLN A 28 5.76 14.79 16.76
N VAL A 29 6.89 14.80 16.04
CA VAL A 29 7.32 13.69 15.17
C VAL A 29 7.26 12.39 16.03
N GLY A 30 6.59 11.38 15.51
CA GLY A 30 6.45 10.10 16.20
C GLY A 30 5.24 9.96 17.09
N ASP A 31 4.49 11.04 17.35
CA ASP A 31 3.30 10.95 18.19
C ASP A 31 2.15 10.25 17.45
N LEU A 32 1.41 9.41 18.16
CA LEU A 32 0.21 8.73 17.71
C LEU A 32 -0.95 9.73 17.78
N LEU A 33 -1.52 10.09 16.62
CA LEU A 33 -2.66 11.02 16.57
C LEU A 33 -3.88 10.25 16.98
N PHE A 34 -4.08 9.05 16.36
CA PHE A 34 -5.21 8.16 16.62
C PHE A 34 -5.00 6.80 16.03
N SER A 35 -5.87 5.87 16.45
CA SER A 35 -5.96 4.48 16.05
C SER A 35 -7.34 4.26 15.46
N CYS A 36 -7.47 3.32 14.52
CA CYS A 36 -8.78 3.06 13.94
C CYS A 36 -8.96 1.55 13.73
N PRO A 37 -9.89 0.88 14.46
CA PRO A 37 -10.10 -0.56 14.20
C PRO A 37 -10.70 -0.75 12.80
N ALA A 38 -10.30 -1.83 12.09
CA ALA A 38 -10.85 -2.07 10.75
C ALA A 38 -12.37 -2.22 10.81
N TYR A 39 -13.06 -1.53 9.91
CA TYR A 39 -14.51 -1.63 9.81
C TYR A 39 -14.79 -2.98 9.11
N ALA A 40 -14.07 -3.26 8.03
CA ALA A 40 -14.15 -4.49 7.23
C ALA A 40 -12.74 -4.73 6.73
N TYR A 41 -12.34 -6.01 6.58
CA TYR A 41 -10.99 -6.37 6.16
C TYR A 41 -10.96 -7.75 5.61
N VAL A 42 -9.99 -8.00 4.75
CA VAL A 42 -9.87 -9.31 4.19
C VAL A 42 -8.39 -9.67 4.07
N LEU A 43 -8.01 -10.91 4.48
CA LEU A 43 -6.62 -11.35 4.29
C LEU A 43 -6.47 -11.79 2.82
N THR A 44 -5.43 -11.28 2.12
CA THR A 44 -5.14 -11.63 0.73
C THR A 44 -4.94 -13.15 0.57
N VAL A 45 -5.41 -13.74 -0.54
CA VAL A 45 -5.32 -15.17 -0.82
C VAL A 45 -3.89 -15.72 -0.58
N ASN A 46 -2.87 -15.10 -1.16
CA ASN A 46 -1.48 -15.56 -1.06
C ASN A 46 -0.85 -15.53 0.35
N GLU A 47 -1.51 -14.91 1.32
CA GLU A 47 -1.03 -14.84 2.70
C GLU A 47 -1.71 -15.84 3.65
N ARG A 48 -2.67 -16.60 3.12
CA ARG A 48 -3.37 -17.64 3.87
C ARG A 48 -2.35 -18.72 4.30
N GLY A 49 -2.39 -19.07 5.58
CA GLY A 49 -1.44 -20.02 6.15
C GLY A 49 -0.31 -19.32 6.86
N ASN A 50 -0.04 -18.04 6.52
CA ASN A 50 1.03 -17.21 7.12
C ASN A 50 0.55 -16.30 8.22
N HIS A 51 -0.67 -15.78 8.06
CA HIS A 51 -1.31 -14.87 9.00
C HIS A 51 -2.67 -15.41 9.38
N CYS A 52 -3.08 -15.13 10.61
CA CYS A 52 -4.39 -15.48 11.11
C CYS A 52 -5.40 -14.58 10.37
N GLU A 53 -6.44 -15.19 9.83
CA GLU A 53 -7.55 -14.61 9.08
C GLU A 53 -8.24 -13.53 9.96
N TYR A 54 -8.44 -13.82 11.27
CA TYR A 54 -9.13 -12.91 12.19
C TYR A 54 -8.35 -11.68 12.67
N CYS A 55 -7.14 -11.91 13.22
CA CYS A 55 -6.36 -10.85 13.84
C CYS A 55 -5.07 -10.47 13.08
N PHE A 56 -4.75 -11.19 11.97
CA PHE A 56 -3.57 -10.92 11.12
C PHE A 56 -2.23 -11.22 11.77
N THR A 57 -2.21 -11.93 12.91
CA THR A 57 -0.97 -12.32 13.61
C THR A 57 -0.18 -13.24 12.68
N ARG A 58 1.10 -12.91 12.44
CA ARG A 58 1.99 -13.73 11.61
C ARG A 58 2.64 -14.72 12.59
N LYS A 59 2.34 -16.02 12.42
CA LYS A 59 2.75 -17.09 13.34
C LYS A 59 2.89 -18.41 12.58
N GLU A 60 3.72 -19.33 13.12
CA GLU A 60 3.84 -20.69 12.62
C GLU A 60 2.82 -21.47 13.46
N GLY A 61 2.36 -22.61 12.94
CA GLY A 61 1.39 -23.47 13.62
C GLY A 61 -0.02 -22.90 13.72
N LEU A 62 -0.46 -22.18 12.67
CA LEU A 62 -1.82 -21.64 12.62
C LEU A 62 -2.75 -22.85 12.30
N SER A 63 -3.93 -22.92 12.96
CA SER A 63 -4.96 -23.95 12.77
C SER A 63 -5.79 -23.68 11.51
N LYS A 64 -5.95 -24.70 10.67
CA LYS A 64 -6.69 -24.69 9.41
C LYS A 64 -8.21 -24.92 9.64
N CYS A 65 -9.11 -24.16 8.93
CA CYS A 65 -10.57 -24.39 9.01
C CYS A 65 -10.82 -25.77 8.40
N GLY A 66 -11.48 -26.63 9.16
CA GLY A 66 -11.76 -28.01 8.77
C GLY A 66 -12.64 -28.20 7.55
N ARG A 67 -13.52 -27.23 7.24
CA ARG A 67 -14.42 -27.35 6.11
C ARG A 67 -13.80 -26.97 4.77
N CYS A 68 -13.31 -25.75 4.66
CA CYS A 68 -12.75 -25.25 3.41
C CYS A 68 -11.26 -25.57 3.28
N LYS A 69 -10.56 -25.70 4.43
CA LYS A 69 -9.11 -25.91 4.49
C LYS A 69 -8.30 -24.73 3.87
N GLN A 70 -8.97 -23.56 3.73
CA GLN A 70 -8.41 -22.37 3.10
C GLN A 70 -8.53 -21.09 3.94
N ALA A 71 -8.59 -21.29 5.27
CA ALA A 71 -8.61 -20.22 6.28
C ALA A 71 -7.82 -20.76 7.46
N PHE A 72 -6.93 -19.93 8.01
CA PHE A 72 -6.04 -20.33 9.10
C PHE A 72 -6.17 -19.36 10.24
N TYR A 73 -6.14 -19.89 11.48
CA TYR A 73 -6.34 -19.11 12.69
C TYR A 73 -5.35 -19.42 13.79
N CYS A 74 -5.21 -18.48 14.75
CA CYS A 74 -4.36 -18.63 15.93
C CYS A 74 -4.84 -19.82 16.77
N ASN A 75 -6.17 -19.89 16.95
CA ASN A 75 -6.89 -20.83 17.79
C ASN A 75 -8.39 -20.83 17.44
N VAL A 76 -9.19 -21.52 18.26
CA VAL A 76 -10.64 -21.67 18.13
C VAL A 76 -11.37 -20.34 18.37
N GLU A 77 -10.80 -19.42 19.17
CA GLU A 77 -11.41 -18.09 19.42
C GLU A 77 -11.34 -17.23 18.18
N CYS A 78 -10.15 -17.14 17.55
CA CYS A 78 -9.96 -16.39 16.30
C CYS A 78 -10.89 -16.99 15.21
N GLN A 79 -10.96 -18.35 15.14
CA GLN A 79 -11.85 -19.06 14.20
C GLN A 79 -13.34 -18.66 14.38
N LYS A 80 -13.84 -18.71 15.63
CA LYS A 80 -15.20 -18.37 16.03
C LYS A 80 -15.54 -16.91 15.73
N GLU A 81 -14.64 -16.00 16.11
CA GLU A 81 -14.82 -14.58 15.89
C GLU A 81 -14.83 -14.20 14.41
N ASP A 82 -14.11 -14.97 13.58
CA ASP A 82 -14.06 -14.69 12.14
C ASP A 82 -15.22 -15.25 11.35
N TRP A 83 -15.94 -16.24 11.94
CA TRP A 83 -17.07 -16.93 11.29
C TRP A 83 -18.13 -16.03 10.64
N PRO A 84 -18.66 -14.95 11.28
CA PRO A 84 -19.63 -14.09 10.58
C PRO A 84 -19.18 -13.56 9.21
N MET A 85 -17.87 -13.40 9.01
CA MET A 85 -17.27 -12.95 7.75
C MET A 85 -16.80 -14.15 6.94
N HIS A 86 -16.13 -15.12 7.59
CA HIS A 86 -15.64 -16.32 6.90
C HIS A 86 -16.76 -17.16 6.25
N LYS A 87 -17.96 -17.13 6.85
CA LYS A 87 -19.09 -17.87 6.29
C LYS A 87 -19.47 -17.46 4.88
N LEU A 88 -19.17 -16.21 4.48
CA LEU A 88 -19.43 -15.71 3.13
C LEU A 88 -18.66 -16.48 2.07
N GLU A 89 -17.53 -17.08 2.46
CA GLU A 89 -16.60 -17.76 1.58
C GLU A 89 -16.36 -19.23 1.85
N CYS A 90 -16.58 -19.69 3.09
CA CYS A 90 -16.29 -21.07 3.48
C CYS A 90 -16.85 -22.16 2.54
N SER A 91 -18.17 -22.40 2.55
CA SER A 91 -18.77 -23.38 1.66
C SER A 91 -18.59 -22.96 0.15
N PRO A 92 -18.79 -21.67 -0.26
CA PRO A 92 -18.54 -21.29 -1.68
C PRO A 92 -17.19 -21.76 -2.25
N MET A 93 -16.08 -21.61 -1.48
CA MET A 93 -14.76 -22.09 -1.90
C MET A 93 -14.73 -23.58 -2.19
N VAL A 94 -15.38 -24.40 -1.34
CA VAL A 94 -15.37 -25.83 -1.61
C VAL A 94 -16.29 -26.22 -2.81
N VAL A 95 -17.48 -25.53 -2.93
CA VAL A 95 -18.45 -25.77 -3.99
C VAL A 95 -17.91 -25.34 -5.38
N PHE A 96 -17.44 -24.08 -5.49
CA PHE A 96 -16.89 -23.55 -6.73
C PHE A 96 -15.49 -24.14 -7.05
N GLY A 97 -14.80 -24.65 -6.03
CA GLY A 97 -13.46 -25.23 -6.18
C GLY A 97 -12.48 -24.30 -6.87
N GLU A 98 -11.94 -24.75 -8.02
CA GLU A 98 -10.99 -24.04 -8.90
C GLU A 98 -11.64 -22.77 -9.49
N ASN A 99 -12.98 -22.78 -9.63
CA ASN A 99 -13.75 -21.64 -10.17
C ASN A 99 -13.97 -20.50 -9.19
N TRP A 100 -13.56 -20.66 -7.91
CA TRP A 100 -13.71 -19.59 -6.95
C TRP A 100 -12.57 -18.57 -7.13
N ASN A 101 -12.89 -17.43 -7.75
CA ASN A 101 -11.86 -16.41 -7.98
C ASN A 101 -12.39 -14.96 -7.85
N PRO A 102 -13.21 -14.55 -6.85
CA PRO A 102 -13.63 -13.14 -6.80
C PRO A 102 -12.39 -12.25 -6.54
N SER A 103 -12.39 -11.04 -7.11
CA SER A 103 -11.28 -10.10 -6.90
C SER A 103 -11.28 -9.67 -5.43
N GLU A 104 -10.12 -9.23 -4.91
CA GLU A 104 -10.01 -8.76 -3.52
C GLU A 104 -11.01 -7.61 -3.20
N THR A 105 -11.28 -6.72 -4.18
CA THR A 105 -12.25 -5.63 -4.04
C THR A 105 -13.66 -6.19 -3.76
N VAL A 106 -14.05 -7.23 -4.52
CA VAL A 106 -15.34 -7.93 -4.39
C VAL A 106 -15.41 -8.61 -2.98
N ARG A 107 -14.33 -9.32 -2.58
CA ARG A 107 -14.20 -9.98 -1.29
C ARG A 107 -14.41 -8.96 -0.17
N LEU A 108 -13.73 -7.80 -0.26
CA LEU A 108 -13.89 -6.73 0.74
C LEU A 108 -15.32 -6.17 0.72
N THR A 109 -15.87 -5.91 -0.46
CA THR A 109 -17.20 -5.33 -0.61
C THR A 109 -18.31 -6.21 -0.03
N ALA A 110 -18.15 -7.54 -0.17
CA ALA A 110 -19.09 -8.53 0.40
C ALA A 110 -19.12 -8.38 1.92
N ARG A 111 -17.94 -8.15 2.52
CA ARG A 111 -17.77 -7.98 3.96
C ARG A 111 -18.35 -6.66 4.46
N ILE A 112 -18.27 -5.60 3.64
CA ILE A 112 -18.91 -4.30 3.95
C ILE A 112 -20.42 -4.52 4.01
N LEU A 113 -21.01 -5.14 2.97
CA LEU A 113 -22.44 -5.45 2.94
C LEU A 113 -22.89 -6.30 4.14
N ALA A 114 -22.08 -7.33 4.53
CA ALA A 114 -22.40 -8.18 5.67
C ALA A 114 -22.35 -7.41 6.98
N LYS A 115 -21.37 -6.51 7.15
CA LYS A 115 -21.24 -5.67 8.33
C LYS A 115 -22.41 -4.69 8.46
N GLN A 116 -22.85 -4.10 7.34
CA GLN A 116 -24.00 -3.17 7.31
C GLN A 116 -25.29 -3.86 7.78
N LYS A 117 -25.44 -5.16 7.48
CA LYS A 117 -26.62 -5.95 7.91
C LYS A 117 -26.57 -6.26 9.41
N ILE A 118 -25.42 -6.69 9.90
CA ILE A 118 -25.22 -7.05 11.31
C ILE A 118 -25.20 -5.83 12.22
N HIS A 119 -24.48 -4.78 11.80
CA HIS A 119 -24.25 -3.59 12.60
C HIS A 119 -24.61 -2.35 11.79
N PRO A 120 -25.91 -2.05 11.58
CA PRO A 120 -26.27 -0.85 10.79
C PRO A 120 -25.89 0.49 11.45
N GLU A 121 -25.77 0.50 12.78
CA GLU A 121 -25.42 1.69 13.56
C GLU A 121 -23.96 2.05 13.39
N ARG A 122 -23.62 3.31 13.72
CA ARG A 122 -22.28 3.87 13.71
C ARG A 122 -21.36 2.98 14.57
N THR A 123 -20.19 2.60 14.02
CA THR A 123 -19.23 1.75 14.71
C THR A 123 -18.12 2.61 15.37
N PRO A 124 -17.28 2.03 16.26
CA PRO A 124 -16.15 2.80 16.83
C PRO A 124 -15.08 3.19 15.78
N SER A 125 -15.23 2.72 14.54
CA SER A 125 -14.34 3.00 13.40
C SER A 125 -14.81 4.26 12.65
N GLU A 126 -16.02 4.74 13.00
CA GLU A 126 -16.67 5.86 12.34
C GLU A 126 -16.94 7.02 13.31
N LYS A 127 -15.96 7.38 14.15
CA LYS A 127 -16.12 8.48 15.10
C LYS A 127 -16.21 9.85 14.40
N LEU A 128 -15.62 9.97 13.19
CA LEU A 128 -15.61 11.23 12.44
C LEU A 128 -16.20 11.15 11.04
N LEU A 129 -16.05 10.02 10.38
CA LEU A 129 -16.58 9.82 9.02
C LEU A 129 -17.19 8.43 8.96
N ALA A 130 -18.38 8.34 8.38
CA ALA A 130 -19.13 7.08 8.23
C ALA A 130 -18.92 6.52 6.83
N VAL A 131 -18.97 5.18 6.70
CA VAL A 131 -18.86 4.48 5.42
C VAL A 131 -19.94 4.99 4.45
N LYS A 132 -21.18 5.20 4.94
CA LYS A 132 -22.30 5.70 4.15
C LYS A 132 -22.06 7.11 3.57
N GLU A 133 -21.22 7.94 4.26
CA GLU A 133 -20.88 9.31 3.87
C GLU A 133 -19.71 9.36 2.88
N PHE A 134 -19.01 8.23 2.60
CA PHE A 134 -17.83 8.19 1.72
C PHE A 134 -18.04 8.86 0.38
N GLU A 135 -17.01 9.55 -0.09
CA GLU A 135 -16.96 10.17 -1.40
C GLU A 135 -16.81 9.04 -2.44
N SER A 136 -17.59 9.11 -3.52
CA SER A 136 -17.59 8.07 -4.54
C SER A 136 -17.04 8.49 -5.88
N HIS A 137 -17.23 9.79 -6.28
CA HIS A 137 -16.86 10.30 -7.60
C HIS A 137 -17.65 9.58 -8.71
N LEU A 138 -18.88 9.15 -8.38
CA LEU A 138 -19.81 8.46 -9.27
C LEU A 138 -19.98 9.26 -10.57
N ASP A 139 -20.14 10.61 -10.45
CA ASP A 139 -20.34 11.50 -11.59
C ASP A 139 -19.14 11.61 -12.53
N LYS A 140 -17.94 11.32 -12.01
CA LYS A 140 -16.67 11.40 -12.75
C LYS A 140 -16.26 10.09 -13.48
N LEU A 141 -16.99 8.99 -13.22
CA LEU A 141 -16.75 7.65 -13.78
C LEU A 141 -16.84 7.65 -15.32
N ASP A 142 -15.78 7.16 -15.99
CA ASP A 142 -15.82 7.04 -17.45
C ASP A 142 -16.37 5.64 -17.81
N ASN A 143 -16.48 5.32 -19.11
CA ASN A 143 -16.98 4.03 -19.58
C ASN A 143 -16.13 2.84 -19.08
N GLU A 144 -14.79 3.01 -19.09
CA GLU A 144 -13.83 2.00 -18.63
C GLU A 144 -14.03 1.64 -17.15
N LYS A 145 -14.21 2.65 -16.27
CA LYS A 145 -14.42 2.46 -14.84
C LYS A 145 -15.79 1.87 -14.54
N LYS A 146 -16.85 2.32 -15.25
CA LYS A 146 -18.19 1.76 -15.06
C LYS A 146 -18.22 0.27 -15.47
N ASP A 147 -17.46 -0.09 -16.53
CA ASP A 147 -17.36 -1.48 -17.01
C ASP A 147 -16.65 -2.36 -16.00
N LEU A 148 -15.58 -1.82 -15.34
CA LEU A 148 -14.85 -2.55 -14.30
C LEU A 148 -15.74 -2.77 -13.07
N ILE A 149 -16.49 -1.73 -12.65
CA ILE A 149 -17.44 -1.79 -11.55
C ILE A 149 -18.57 -2.82 -11.87
N GLN A 150 -19.06 -2.85 -13.13
CA GLN A 150 -20.08 -3.82 -13.55
C GLN A 150 -19.59 -5.27 -13.48
N SER A 151 -18.32 -5.53 -13.85
CA SER A 151 -17.67 -6.85 -13.72
C SER A 151 -17.64 -7.26 -12.24
N ASP A 152 -17.30 -6.30 -11.35
CA ASP A 152 -17.23 -6.49 -9.90
C ASP A 152 -18.61 -6.79 -9.29
N ILE A 153 -19.66 -6.07 -9.76
CA ILE A 153 -21.04 -6.32 -9.34
C ILE A 153 -21.49 -7.75 -9.75
N ALA A 154 -21.13 -8.18 -10.98
CA ALA A 154 -21.48 -9.54 -11.47
C ALA A 154 -20.77 -10.62 -10.66
N ALA A 155 -19.51 -10.37 -10.24
CA ALA A 155 -18.74 -11.32 -9.42
C ALA A 155 -19.33 -11.40 -8.00
N LEU A 156 -19.84 -10.27 -7.50
CA LEU A 156 -20.46 -10.17 -6.19
C LEU A 156 -21.72 -11.05 -6.15
N HIS A 157 -22.61 -10.92 -7.15
CA HIS A 157 -23.82 -11.74 -7.28
C HIS A 157 -23.46 -13.23 -7.50
N HIS A 158 -22.45 -13.51 -8.35
CA HIS A 158 -21.96 -14.84 -8.70
C HIS A 158 -21.45 -15.64 -7.48
N PHE A 159 -20.66 -14.99 -6.58
CA PHE A 159 -20.05 -15.67 -5.45
C PHE A 159 -20.65 -15.42 -4.07
N TYR A 160 -21.44 -14.34 -3.89
CA TYR A 160 -21.92 -13.93 -2.58
C TYR A 160 -23.44 -13.77 -2.43
N SER A 161 -24.24 -14.44 -3.25
CA SER A 161 -25.69 -14.32 -3.14
C SER A 161 -26.33 -15.10 -1.97
N LYS A 162 -25.55 -16.01 -1.33
CA LYS A 162 -26.09 -16.87 -0.27
C LYS A 162 -26.59 -16.15 0.96
N HIS A 163 -25.79 -15.20 1.50
CA HIS A 163 -26.10 -14.50 2.74
C HIS A 163 -26.42 -13.04 2.60
N LEU A 164 -26.16 -12.46 1.43
CA LEU A 164 -26.34 -11.04 1.21
C LEU A 164 -27.65 -10.67 0.56
N GLU A 165 -28.23 -9.56 1.03
CA GLU A 165 -29.44 -8.96 0.45
C GLU A 165 -28.91 -7.73 -0.28
N PHE A 166 -28.84 -7.83 -1.61
CA PHE A 166 -28.25 -6.78 -2.43
C PHE A 166 -29.11 -5.54 -2.65
N PRO A 167 -28.52 -4.31 -2.59
CA PRO A 167 -29.32 -3.12 -2.96
C PRO A 167 -29.44 -3.09 -4.50
N ASP A 168 -30.09 -2.04 -5.07
CA ASP A 168 -30.16 -1.96 -6.53
C ASP A 168 -28.76 -1.76 -7.15
N ASN A 169 -28.62 -1.99 -8.47
CA ASN A 169 -27.33 -1.85 -9.15
C ASN A 169 -26.72 -0.46 -8.92
N ASP A 170 -27.55 0.60 -8.91
CA ASP A 170 -27.14 1.99 -8.68
C ASP A 170 -26.44 2.17 -7.33
N SER A 171 -26.96 1.55 -6.27
CA SER A 171 -26.34 1.63 -4.94
C SER A 171 -25.02 0.85 -4.91
N LEU A 172 -24.94 -0.24 -5.71
CA LEU A 172 -23.73 -1.06 -5.80
C LEU A 172 -22.61 -0.35 -6.54
N VAL A 173 -22.96 0.45 -7.58
CA VAL A 173 -21.93 1.21 -8.31
C VAL A 173 -21.31 2.29 -7.38
N VAL A 174 -22.15 2.97 -6.58
CA VAL A 174 -21.75 3.96 -5.56
C VAL A 174 -20.84 3.26 -4.52
N LEU A 175 -21.21 2.06 -4.07
CA LEU A 175 -20.40 1.34 -3.11
C LEU A 175 -19.02 0.95 -3.64
N PHE A 176 -18.95 0.30 -4.82
CA PHE A 176 -17.68 -0.08 -5.44
C PHE A 176 -16.80 1.15 -5.68
N ALA A 177 -17.41 2.29 -6.09
CA ALA A 177 -16.67 3.53 -6.29
C ALA A 177 -16.14 4.09 -4.95
N GLN A 178 -16.94 3.99 -3.86
CA GLN A 178 -16.54 4.46 -2.52
C GLN A 178 -15.38 3.63 -1.99
N VAL A 179 -15.41 2.30 -2.25
CA VAL A 179 -14.37 1.33 -1.87
C VAL A 179 -13.05 1.65 -2.59
N ASN A 180 -13.08 1.98 -3.90
CA ASN A 180 -11.87 2.37 -4.65
C ASN A 180 -11.30 3.69 -4.16
N CYS A 181 -12.18 4.63 -3.79
CA CYS A 181 -11.79 5.94 -3.30
C CYS A 181 -11.24 5.94 -1.88
N ASN A 182 -11.77 5.04 -1.02
CA ASN A 182 -11.49 5.02 0.40
C ASN A 182 -10.83 3.79 0.98
N GLY A 183 -10.70 2.74 0.19
CA GLY A 183 -10.11 1.48 0.63
C GLY A 183 -8.61 1.54 0.86
N PHE A 184 -8.14 0.74 1.81
CA PHE A 184 -6.74 0.65 2.16
C PHE A 184 -6.16 -0.72 1.87
N THR A 185 -4.88 -0.76 1.57
CA THR A 185 -4.12 -1.98 1.46
C THR A 185 -3.44 -2.11 2.82
N ILE A 186 -3.41 -3.29 3.39
CA ILE A 186 -2.63 -3.47 4.62
C ILE A 186 -1.33 -4.14 4.16
N GLU A 187 -0.17 -3.58 4.55
CA GLU A 187 1.16 -4.03 4.16
C GLU A 187 1.91 -4.44 5.41
N ASP A 188 2.88 -5.34 5.24
CA ASP A 188 3.73 -5.73 6.36
C ASP A 188 4.95 -4.76 6.48
N GLU A 189 5.95 -5.11 7.30
CA GLU A 189 7.17 -4.32 7.52
C GLU A 189 8.06 -4.15 6.23
N GLU A 190 7.89 -5.04 5.26
CA GLU A 190 8.61 -4.98 4.00
C GLU A 190 7.74 -4.40 2.90
N LEU A 191 6.56 -3.82 3.27
CA LEU A 191 5.55 -3.27 2.37
C LEU A 191 4.91 -4.32 1.45
N SER A 192 4.94 -5.60 1.90
CA SER A 192 4.34 -6.70 1.18
C SER A 192 2.83 -6.67 1.46
N HIS A 193 2.01 -6.87 0.41
CA HIS A 193 0.55 -6.81 0.51
C HIS A 193 -0.01 -7.94 1.36
N LEU A 194 -0.74 -7.58 2.43
CA LEU A 194 -1.36 -8.55 3.36
C LEU A 194 -2.84 -8.71 3.11
N GLY A 195 -3.50 -7.62 2.76
CA GLY A 195 -4.93 -7.62 2.54
C GLY A 195 -5.44 -6.22 2.28
N SER A 196 -6.77 -6.09 2.36
CA SER A 196 -7.50 -4.86 2.08
C SER A 196 -8.48 -4.61 3.20
N ALA A 197 -8.75 -3.34 3.47
CA ALA A 197 -9.60 -2.97 4.60
C ALA A 197 -10.23 -1.62 4.43
N ILE A 198 -11.26 -1.40 5.27
CA ILE A 198 -11.94 -0.11 5.39
C ILE A 198 -11.63 0.46 6.77
N PHE A 199 -11.05 1.66 6.80
CA PHE A 199 -10.73 2.41 8.03
C PHE A 199 -11.39 3.77 7.84
N PRO A 200 -12.70 3.90 8.19
CA PRO A 200 -13.41 5.15 7.86
C PRO A 200 -12.82 6.45 8.35
N ASP A 201 -12.41 6.48 9.61
CA ASP A 201 -11.80 7.70 10.19
C ASP A 201 -10.46 8.02 9.57
N VAL A 202 -9.71 7.00 9.14
CA VAL A 202 -8.42 7.20 8.48
C VAL A 202 -8.65 7.76 7.05
N ALA A 203 -9.76 7.35 6.40
CA ALA A 203 -10.10 7.80 5.05
C ALA A 203 -10.55 9.27 4.99
N LEU A 204 -10.78 9.90 6.18
CA LEU A 204 -11.10 11.30 6.26
C LEU A 204 -9.89 12.14 5.84
N MET A 205 -8.67 11.64 6.06
CA MET A 205 -7.46 12.39 5.71
C MET A 205 -7.24 12.57 4.24
N ASN A 206 -6.92 13.81 3.87
CA ASN A 206 -6.60 14.20 2.51
C ASN A 206 -5.15 13.88 2.18
N HIS A 207 -4.82 13.97 0.88
CA HIS A 207 -3.48 13.66 0.36
C HIS A 207 -2.56 14.87 0.25
N SER A 208 -1.27 14.63 0.44
CA SER A 208 -0.18 15.55 0.17
C SER A 208 1.03 14.73 -0.24
N CYS A 209 1.87 15.26 -1.14
CA CYS A 209 3.14 14.64 -1.54
C CYS A 209 4.24 14.98 -0.50
N CYS A 210 3.93 15.83 0.47
CA CYS A 210 4.80 16.07 1.63
C CYS A 210 3.92 15.90 2.87
N PRO A 211 3.53 14.63 3.13
CA PRO A 211 2.63 14.35 4.25
C PRO A 211 3.22 14.61 5.63
N ASN A 212 2.33 14.86 6.60
CA ASN A 212 2.77 15.09 7.96
C ASN A 212 2.46 13.87 8.84
N VAL A 213 1.79 12.85 8.26
CA VAL A 213 1.51 11.58 8.95
C VAL A 213 1.78 10.37 8.07
N ILE A 214 1.96 9.22 8.72
CA ILE A 214 2.11 7.91 8.11
C ILE A 214 1.10 6.96 8.74
N VAL A 215 0.46 6.14 7.92
CA VAL A 215 -0.45 5.10 8.38
C VAL A 215 0.33 3.76 8.45
N THR A 216 0.30 3.11 9.62
CA THR A 216 0.88 1.78 9.82
C THR A 216 -0.23 0.90 10.40
N TYR A 217 0.05 -0.43 10.50
CA TYR A 217 -0.89 -1.43 10.98
C TYR A 217 -0.29 -2.30 12.07
N LYS A 218 -1.10 -2.52 13.09
CA LYS A 218 -0.81 -3.38 14.26
C LYS A 218 -1.93 -4.47 14.18
N GLY A 219 -1.66 -5.51 13.40
CA GLY A 219 -2.67 -6.50 13.05
C GLY A 219 -3.66 -5.86 12.08
N THR A 220 -4.93 -5.78 12.48
CA THR A 220 -5.96 -5.12 11.62
C THR A 220 -6.28 -3.68 12.12
N LEU A 221 -5.51 -3.19 13.12
CA LEU A 221 -5.70 -1.85 13.67
C LEU A 221 -4.82 -0.87 12.92
N ALA A 222 -5.41 0.19 12.32
CA ALA A 222 -4.62 1.25 11.66
C ALA A 222 -4.18 2.25 12.74
N GLU A 223 -2.92 2.70 12.67
CA GLU A 223 -2.32 3.69 13.57
C GLU A 223 -1.80 4.86 12.72
N VAL A 224 -2.04 6.09 13.18
CA VAL A 224 -1.65 7.31 12.45
C VAL A 224 -0.62 8.09 13.30
N ARG A 225 0.62 8.21 12.79
CA ARG A 225 1.69 8.90 13.51
C ARG A 225 2.27 10.04 12.73
N ALA A 226 2.63 11.11 13.45
CA ALA A 226 3.24 12.31 12.85
C ALA A 226 4.64 12.04 12.36
N VAL A 227 4.96 12.50 11.13
CA VAL A 227 6.29 12.41 10.51
C VAL A 227 6.89 13.82 10.32
N GLN A 228 6.12 14.82 10.71
CA GLN A 228 6.44 16.26 10.74
C GLN A 228 5.70 16.79 11.95
N GLU A 229 6.15 17.91 12.51
CA GLU A 229 5.45 18.54 13.63
C GLU A 229 4.13 19.09 13.07
N ILE A 230 3.02 18.90 13.81
CA ILE A 230 1.70 19.38 13.40
C ILE A 230 1.22 20.35 14.47
N LYS A 231 0.74 21.52 14.08
CA LYS A 231 0.30 22.53 15.02
C LYS A 231 -1.22 22.72 14.99
N PRO A 232 -1.86 23.23 16.09
CA PRO A 232 -3.32 23.45 16.04
C PRO A 232 -3.72 24.29 14.84
N GLY A 233 -4.77 23.84 14.15
CA GLY A 233 -5.32 24.48 12.97
C GLY A 233 -4.80 23.89 11.67
N GLU A 234 -3.68 23.15 11.73
CA GLU A 234 -3.11 22.53 10.55
C GLU A 234 -3.85 21.26 10.14
N GLU A 235 -4.03 21.09 8.84
CA GLU A 235 -4.66 19.92 8.28
C GLU A 235 -3.69 18.73 8.35
N VAL A 236 -4.25 17.53 8.59
CA VAL A 236 -3.48 16.28 8.69
C VAL A 236 -3.53 15.59 7.32
N PHE A 237 -2.36 15.41 6.68
CA PHE A 237 -2.22 14.79 5.36
C PHE A 237 -1.36 13.55 5.38
N THR A 238 -1.77 12.60 4.62
CA THR A 238 -1.07 11.36 4.40
C THR A 238 -0.78 11.33 2.86
N SER A 239 0.11 10.44 2.41
CA SER A 239 0.33 10.27 0.98
C SER A 239 -0.47 9.04 0.56
N TYR A 240 -1.25 9.19 -0.52
CA TYR A 240 -2.06 8.11 -1.09
C TYR A 240 -1.22 7.26 -2.07
N ILE A 241 -0.08 7.76 -2.53
CA ILE A 241 0.72 7.14 -3.59
C ILE A 241 2.21 7.03 -3.23
N ASP A 242 2.96 6.36 -4.14
CA ASP A 242 4.39 6.19 -4.05
C ASP A 242 5.02 7.54 -4.42
N LEU A 243 5.76 8.13 -3.47
CA LEU A 243 6.38 9.44 -3.64
C LEU A 243 7.72 9.48 -4.40
N LEU A 244 8.17 8.34 -4.95
CA LEU A 244 9.44 8.28 -5.70
C LEU A 244 9.35 9.12 -6.98
N TYR A 245 8.18 9.09 -7.63
CA TYR A 245 7.98 9.65 -8.96
C TYR A 245 7.94 11.14 -9.11
N PRO A 246 8.28 11.69 -10.32
CA PRO A 246 8.18 13.15 -10.50
C PRO A 246 6.70 13.61 -10.52
N THR A 247 6.49 14.92 -10.41
CA THR A 247 5.19 15.59 -10.30
C THR A 247 4.12 15.13 -11.30
N GLU A 248 4.45 15.12 -12.60
CA GLU A 248 3.51 14.72 -13.62
C GLU A 248 3.01 13.30 -13.42
N ASP A 249 3.93 12.35 -13.12
CA ASP A 249 3.60 10.93 -12.84
C ASP A 249 2.68 10.79 -11.63
N ARG A 250 3.00 11.48 -10.53
CA ARG A 250 2.22 11.47 -9.30
C ARG A 250 0.77 11.95 -9.54
N ASN A 251 0.61 13.08 -10.27
CA ASN A 251 -0.67 13.68 -10.61
C ASN A 251 -1.46 12.89 -11.63
N ASP A 252 -0.78 12.16 -12.52
CA ASP A 252 -1.45 11.25 -13.46
C ASP A 252 -2.09 10.12 -12.68
N ARG A 253 -1.37 9.61 -11.67
CA ARG A 253 -1.89 8.55 -10.78
C ARG A 253 -3.05 9.10 -9.89
N LEU A 254 -2.88 10.29 -9.28
CA LEU A 254 -3.92 10.90 -8.44
C LEU A 254 -5.18 11.21 -9.23
N ARG A 255 -5.04 11.69 -10.48
CA ARG A 255 -6.19 11.98 -11.33
C ARG A 255 -6.92 10.71 -11.71
N ASP A 256 -6.19 9.68 -12.14
CA ASP A 256 -6.77 8.39 -12.52
C ASP A 256 -7.44 7.63 -11.35
N SER A 257 -6.80 7.52 -10.18
CA SER A 257 -7.38 6.75 -9.07
C SER A 257 -8.24 7.56 -8.09
N TYR A 258 -7.94 8.87 -7.94
CA TYR A 258 -8.61 9.74 -6.96
C TYR A 258 -9.30 10.96 -7.48
N PHE A 259 -9.29 11.15 -8.80
CA PHE A 259 -10.02 12.24 -9.50
C PHE A 259 -9.68 13.66 -9.05
N PHE A 260 -8.41 13.90 -8.70
CA PHE A 260 -7.97 15.23 -8.30
C PHE A 260 -6.52 15.44 -8.68
N THR A 261 -6.13 16.72 -8.75
CA THR A 261 -4.76 17.15 -8.98
C THR A 261 -4.28 17.77 -7.67
N CYS A 262 -3.11 17.32 -7.21
CA CYS A 262 -2.48 17.82 -6.00
C CYS A 262 -1.81 19.14 -6.30
N GLU A 263 -1.91 20.07 -5.34
CA GLU A 263 -1.30 21.38 -5.41
C GLU A 263 -0.38 21.62 -4.20
N CYS A 264 0.13 20.56 -3.57
CA CYS A 264 1.03 20.67 -2.40
C CYS A 264 2.33 21.38 -2.78
N GLN A 265 3.18 21.70 -1.78
CA GLN A 265 4.47 22.37 -2.03
C GLN A 265 5.34 21.61 -3.04
N GLU A 266 5.39 20.27 -2.98
CA GLU A 266 6.16 19.44 -3.92
C GLU A 266 5.67 19.55 -5.35
N CYS A 267 4.33 19.53 -5.55
CA CYS A 267 3.68 19.62 -6.84
C CYS A 267 3.78 21.04 -7.43
N THR A 268 3.75 22.06 -6.57
CA THR A 268 3.84 23.46 -6.97
C THR A 268 5.29 23.83 -7.35
N THR A 269 6.23 23.55 -6.45
CA THR A 269 7.64 23.88 -6.62
C THR A 269 8.36 22.98 -7.63
N LYS A 270 7.99 21.66 -7.67
CA LYS A 270 8.57 20.59 -8.49
C LYS A 270 10.07 20.43 -8.17
N ASP A 271 10.49 20.77 -6.92
CA ASP A 271 11.88 20.77 -6.46
C ASP A 271 12.69 19.53 -6.78
N LYS A 272 12.12 18.36 -6.50
CA LYS A 272 12.76 17.06 -6.67
C LYS A 272 12.71 16.49 -8.08
N ASP A 273 11.92 17.09 -9.00
CA ASP A 273 11.76 16.61 -10.36
C ASP A 273 13.07 16.50 -11.16
N LYS A 274 13.98 17.49 -11.02
CA LYS A 274 15.26 17.53 -11.72
C LYS A 274 16.14 16.32 -11.36
N ALA A 275 16.38 16.08 -10.05
CA ALA A 275 17.16 14.94 -9.56
C ALA A 275 16.47 13.62 -9.82
N LYS A 276 15.11 13.58 -9.76
CA LYS A 276 14.34 12.35 -10.02
C LYS A 276 14.54 11.89 -11.46
N VAL A 277 14.57 12.83 -12.41
CA VAL A 277 14.81 12.52 -13.83
C VAL A 277 16.21 12.98 -14.22
N GLU A 278 17.22 12.61 -13.41
CA GLU A 278 18.64 12.95 -13.60
C GLU A 278 19.17 12.43 -14.93
N ILE A 279 19.83 13.33 -15.66
CA ILE A 279 20.40 13.08 -16.98
C ILE A 279 21.92 12.98 -16.87
N ARG A 280 22.51 12.07 -17.66
CA ARG A 280 23.96 11.85 -17.73
C ARG A 280 24.68 13.13 -18.19
N LYS A 281 25.85 13.44 -17.56
CA LYS A 281 26.65 14.62 -17.89
C LYS A 281 27.60 14.24 -19.06
N LEU A 282 27.03 14.16 -20.28
CA LEU A 282 27.77 13.77 -21.49
C LEU A 282 28.43 14.96 -22.18
N SER A 283 29.58 14.72 -22.86
CA SER A 283 30.35 15.73 -23.61
C SER A 283 29.41 16.46 -24.59
N ASP A 284 28.60 15.69 -25.34
CA ASP A 284 27.54 16.19 -26.20
C ASP A 284 26.27 15.97 -25.33
N PRO A 285 25.74 17.02 -24.67
CA PRO A 285 24.58 16.81 -23.78
C PRO A 285 23.33 16.32 -24.51
N PRO A 286 22.50 15.45 -23.88
CA PRO A 286 21.30 14.97 -24.57
C PRO A 286 20.26 16.06 -24.77
N LYS A 287 19.72 16.13 -26.00
CA LYS A 287 18.72 17.11 -26.44
C LYS A 287 17.41 16.96 -25.66
N ALA A 288 16.65 18.07 -25.50
CA ALA A 288 15.36 18.09 -24.79
C ALA A 288 14.41 17.03 -25.33
N GLU A 289 14.25 16.92 -26.67
CA GLU A 289 13.39 15.90 -27.30
C GLU A 289 13.90 14.47 -27.06
N ALA A 290 15.23 14.28 -26.94
CA ALA A 290 15.86 12.99 -26.64
C ALA A 290 15.54 12.54 -25.21
N ILE A 291 15.42 13.52 -24.26
CA ILE A 291 15.03 13.30 -22.86
C ILE A 291 13.57 12.85 -22.85
N ARG A 292 12.68 13.64 -23.51
CA ARG A 292 11.23 13.40 -23.58
C ARG A 292 10.88 12.03 -24.17
N ASP A 293 11.68 11.58 -25.18
CA ASP A 293 11.52 10.27 -25.82
C ASP A 293 11.83 9.16 -24.82
N MET A 294 12.91 9.34 -24.03
CA MET A 294 13.30 8.36 -23.02
C MET A 294 12.32 8.28 -21.85
N VAL A 295 11.73 9.43 -21.44
CA VAL A 295 10.71 9.49 -20.37
C VAL A 295 9.46 8.73 -20.87
N ARG A 296 9.10 8.90 -22.15
CA ARG A 296 7.97 8.21 -22.78
C ARG A 296 8.25 6.71 -22.83
N TYR A 297 9.48 6.31 -23.25
CA TYR A 297 9.92 4.92 -23.31
C TYR A 297 9.86 4.27 -21.91
N ALA A 298 10.40 5.00 -20.90
CA ALA A 298 10.46 4.60 -19.50
C ALA A 298 9.05 4.30 -18.93
N ARG A 299 8.07 5.17 -19.16
CA ARG A 299 6.69 4.96 -18.70
C ARG A 299 6.07 3.75 -19.41
N ASN A 300 6.41 3.54 -20.70
CA ASN A 300 5.91 2.40 -21.49
C ASN A 300 6.47 1.07 -20.99
N VAL A 301 7.79 1.01 -20.65
CA VAL A 301 8.39 -0.24 -20.14
C VAL A 301 7.83 -0.58 -18.75
N ILE A 302 7.56 0.44 -17.92
CA ILE A 302 6.97 0.25 -16.59
C ILE A 302 5.64 -0.52 -16.74
N GLU A 303 4.81 -0.09 -17.71
CA GLU A 303 3.51 -0.70 -18.01
C GLU A 303 3.64 -2.06 -18.68
N GLU A 304 4.64 -2.20 -19.57
CA GLU A 304 4.94 -3.45 -20.27
C GLU A 304 5.34 -4.52 -19.25
N PHE A 305 6.27 -4.18 -18.32
CA PHE A 305 6.74 -5.08 -17.25
C PHE A 305 5.58 -5.49 -16.33
N ARG A 306 4.72 -4.53 -15.91
CA ARG A 306 3.53 -4.72 -15.08
C ARG A 306 2.65 -5.83 -15.66
N ARG A 307 2.43 -5.81 -16.99
CA ARG A 307 1.65 -6.84 -17.70
C ARG A 307 2.42 -8.16 -17.75
N ALA A 308 3.72 -8.08 -18.11
CA ALA A 308 4.61 -9.23 -18.28
C ALA A 308 4.77 -10.10 -17.03
N LYS A 309 4.75 -9.52 -15.82
CA LYS A 309 4.89 -10.35 -14.61
C LYS A 309 3.79 -11.40 -14.39
N HIS A 310 2.63 -11.21 -15.03
CA HIS A 310 1.48 -12.11 -15.00
C HIS A 310 1.68 -13.39 -15.84
N TYR A 311 2.60 -13.37 -16.82
CA TYR A 311 2.81 -14.54 -17.68
C TYR A 311 4.25 -14.89 -18.11
N LYS A 312 5.21 -13.94 -17.97
CA LYS A 312 6.60 -14.22 -18.40
C LYS A 312 7.41 -14.96 -17.30
N SER A 313 8.45 -15.70 -17.72
CA SER A 313 9.32 -16.47 -16.82
C SER A 313 10.26 -15.53 -16.03
N PRO A 314 10.86 -15.95 -14.88
CA PRO A 314 11.77 -15.03 -14.16
C PRO A 314 12.94 -14.52 -15.00
N SER A 315 13.50 -15.35 -15.90
CA SER A 315 14.60 -14.95 -16.77
C SER A 315 14.16 -13.91 -17.83
N GLU A 316 12.90 -14.04 -18.34
CA GLU A 316 12.30 -13.10 -19.32
C GLU A 316 12.10 -11.75 -18.64
N LEU A 317 11.61 -11.76 -17.40
CA LEU A 317 11.37 -10.57 -16.60
C LEU A 317 12.66 -9.81 -16.29
N LEU A 318 13.75 -10.56 -15.94
CA LEU A 318 15.06 -9.99 -15.69
C LEU A 318 15.65 -9.41 -16.96
N GLU A 319 15.35 -10.05 -18.12
CA GLU A 319 15.79 -9.59 -19.43
C GLU A 319 15.20 -8.23 -19.73
N ILE A 320 13.88 -8.03 -19.48
CA ILE A 320 13.19 -6.75 -19.67
C ILE A 320 13.87 -5.65 -18.82
N CYS A 321 14.23 -5.97 -17.55
CA CYS A 321 14.91 -5.05 -16.62
C CYS A 321 16.29 -4.66 -17.13
N GLU A 322 17.12 -5.67 -17.45
CA GLU A 322 18.48 -5.46 -17.95
C GLU A 322 18.50 -4.69 -19.26
N LEU A 323 17.70 -5.12 -20.25
CA LEU A 323 17.61 -4.49 -21.57
C LEU A 323 17.12 -3.05 -21.51
N SER A 324 16.06 -2.78 -20.72
CA SER A 324 15.51 -1.42 -20.55
C SER A 324 16.48 -0.50 -19.80
N GLN A 325 17.20 -1.02 -18.78
CA GLN A 325 18.20 -0.25 -18.05
C GLN A 325 19.34 0.15 -18.98
N GLU A 326 19.74 -0.77 -19.88
CA GLU A 326 20.78 -0.54 -20.86
C GLU A 326 20.41 0.59 -21.82
N LYS A 327 19.18 0.56 -22.37
CA LYS A 327 18.71 1.61 -23.28
C LYS A 327 18.62 2.96 -22.54
N MET A 328 18.06 2.96 -21.32
CA MET A 328 17.91 4.17 -20.50
C MET A 328 19.22 4.81 -20.04
N SER A 329 20.27 3.98 -19.77
CA SER A 329 21.59 4.43 -19.28
C SER A 329 22.36 5.36 -20.22
N SER A 330 22.00 5.39 -21.52
CA SER A 330 22.61 6.27 -22.51
C SER A 330 22.21 7.73 -22.27
N VAL A 331 21.03 7.95 -21.67
CA VAL A 331 20.44 9.29 -21.37
C VAL A 331 20.37 9.53 -19.85
N PHE A 332 19.86 8.53 -19.09
CA PHE A 332 19.60 8.59 -17.66
C PHE A 332 20.73 8.15 -16.74
N GLU A 333 20.87 8.85 -15.60
CA GLU A 333 21.81 8.54 -14.53
C GLU A 333 21.23 7.35 -13.73
N ASP A 334 22.08 6.63 -12.97
CA ASP A 334 21.64 5.47 -12.19
C ASP A 334 20.66 5.83 -11.09
N SER A 335 20.77 7.06 -10.55
CA SER A 335 19.92 7.60 -9.50
C SER A 335 18.54 8.07 -10.03
N ASN A 336 18.36 8.09 -11.36
CA ASN A 336 17.12 8.47 -12.03
C ASN A 336 16.03 7.44 -11.65
N VAL A 337 14.82 7.92 -11.31
CA VAL A 337 13.68 7.10 -10.85
C VAL A 337 13.21 5.98 -11.79
N TYR A 338 13.37 6.18 -13.10
CA TYR A 338 12.99 5.16 -14.07
C TYR A 338 13.99 4.00 -14.08
N MET A 339 15.29 4.29 -13.81
CA MET A 339 16.37 3.30 -13.66
C MET A 339 16.10 2.50 -12.38
N LEU A 340 15.80 3.23 -11.29
CA LEU A 340 15.47 2.70 -9.96
C LEU A 340 14.25 1.79 -9.99
N HIS A 341 13.21 2.16 -10.77
CA HIS A 341 12.00 1.36 -10.90
C HIS A 341 12.36 -0.04 -11.43
N MET A 342 13.14 -0.13 -12.54
CA MET A 342 13.56 -1.39 -13.14
C MET A 342 14.45 -2.23 -12.23
N MET A 343 15.39 -1.58 -11.50
CA MET A 343 16.28 -2.21 -10.53
C MET A 343 15.47 -2.85 -9.38
N TYR A 344 14.43 -2.14 -8.89
CA TYR A 344 13.54 -2.62 -7.82
C TYR A 344 12.75 -3.86 -8.32
N GLN A 345 12.24 -3.79 -9.57
CA GLN A 345 11.55 -4.91 -10.19
C GLN A 345 12.48 -6.10 -10.33
N ALA A 346 13.72 -5.87 -10.78
CA ALA A 346 14.75 -6.90 -10.94
C ALA A 346 15.14 -7.53 -9.58
N MET A 347 15.26 -6.71 -8.52
CA MET A 347 15.52 -7.19 -7.16
C MET A 347 14.39 -8.14 -6.71
N GLY A 348 13.14 -7.76 -7.00
CA GLY A 348 11.94 -8.54 -6.71
C GLY A 348 11.95 -9.89 -7.40
N VAL A 349 12.37 -9.95 -8.67
CA VAL A 349 12.48 -11.21 -9.40
C VAL A 349 13.59 -12.08 -8.75
N CYS A 350 14.76 -11.49 -8.42
CA CYS A 350 15.85 -12.19 -7.73
C CYS A 350 15.37 -12.78 -6.42
N LEU A 351 14.63 -12.00 -5.61
CA LEU A 351 14.10 -12.46 -4.32
C LEU A 351 13.22 -13.70 -4.51
N TYR A 352 12.32 -13.66 -5.51
CA TYR A 352 11.46 -14.79 -5.83
C TYR A 352 12.28 -16.04 -6.22
N MET A 353 13.31 -15.88 -7.05
CA MET A 353 14.20 -16.96 -7.48
C MET A 353 15.12 -17.43 -6.37
N GLN A 354 15.06 -16.77 -5.20
CA GLN A 354 15.91 -17.05 -4.04
C GLN A 354 17.40 -16.81 -4.39
N ASP A 355 17.63 -15.85 -5.30
CA ASP A 355 18.96 -15.42 -5.73
C ASP A 355 19.29 -14.24 -4.80
N TRP A 356 19.70 -14.59 -3.57
CA TRP A 356 19.98 -13.62 -2.52
C TRP A 356 21.11 -12.65 -2.87
N GLU A 357 22.18 -13.13 -3.51
CA GLU A 357 23.32 -12.33 -3.95
C GLU A 357 22.88 -11.29 -4.99
N GLY A 358 22.09 -11.74 -5.96
CA GLY A 358 21.53 -10.91 -7.03
C GLY A 358 20.62 -9.82 -6.49
N ALA A 359 19.76 -10.19 -5.51
CA ALA A 359 18.83 -9.28 -4.84
C ALA A 359 19.63 -8.21 -4.08
N LEU A 360 20.68 -8.63 -3.34
CA LEU A 360 21.58 -7.73 -2.60
C LEU A 360 22.29 -6.75 -3.56
N GLN A 361 22.81 -7.26 -4.70
CA GLN A 361 23.48 -6.49 -5.76
C GLN A 361 22.62 -5.31 -6.20
N TYR A 362 21.31 -5.54 -6.45
CA TYR A 362 20.35 -4.51 -6.82
C TYR A 362 20.02 -3.56 -5.69
N GLY A 363 19.71 -4.10 -4.51
CA GLY A 363 19.33 -3.32 -3.33
C GLY A 363 20.35 -2.29 -2.93
N GLN A 364 21.65 -2.65 -3.05
CA GLN A 364 22.77 -1.77 -2.74
C GLN A 364 22.79 -0.51 -3.66
N LYS A 365 22.39 -0.66 -4.93
CA LYS A 365 22.33 0.42 -5.92
C LYS A 365 21.11 1.33 -5.74
N ILE A 366 20.04 0.79 -5.13
CA ILE A 366 18.77 1.49 -4.93
C ILE A 366 18.75 2.39 -3.70
N ILE A 367 19.32 1.93 -2.58
CA ILE A 367 19.25 2.57 -1.27
C ILE A 367 19.60 4.06 -1.17
N LYS A 368 20.78 4.47 -1.66
CA LYS A 368 21.17 5.88 -1.56
C LYS A 368 20.24 6.79 -2.36
N PRO A 369 19.95 6.51 -3.66
CA PRO A 369 18.97 7.34 -4.39
C PRO A 369 17.56 7.36 -3.76
N TYR A 370 17.12 6.25 -3.12
CA TYR A 370 15.82 6.19 -2.41
C TYR A 370 15.78 7.21 -1.30
N SER A 371 16.82 7.23 -0.46
CA SER A 371 16.95 8.18 0.67
C SER A 371 16.89 9.62 0.21
N LYS A 372 17.47 9.92 -0.97
CA LYS A 372 17.43 11.28 -1.48
C LYS A 372 16.09 11.68 -2.12
N HIS A 373 15.37 10.75 -2.78
CA HIS A 373 14.10 11.08 -3.43
C HIS A 373 12.88 11.05 -2.53
N TYR A 374 12.87 10.18 -1.52
CA TYR A 374 11.75 10.03 -0.61
C TYR A 374 11.80 11.03 0.56
N PRO A 375 10.64 11.30 1.25
CA PRO A 375 10.66 12.20 2.42
C PRO A 375 11.48 11.63 3.57
N LEU A 376 11.81 12.49 4.56
CA LEU A 376 12.60 12.17 5.74
C LEU A 376 12.21 10.83 6.38
N TYR A 377 10.92 10.63 6.65
CA TYR A 377 10.52 9.35 7.24
C TYR A 377 9.65 8.71 6.16
N SER A 378 10.16 7.62 5.62
CA SER A 378 9.53 6.97 4.50
C SER A 378 9.52 5.48 4.74
N LEU A 379 8.35 4.86 4.62
CA LEU A 379 8.23 3.43 4.76
C LEU A 379 8.96 2.73 3.60
N ASN A 380 9.06 3.37 2.42
CA ASN A 380 9.75 2.82 1.26
C ASN A 380 11.23 2.73 1.53
N VAL A 381 11.79 3.73 2.23
CA VAL A 381 13.19 3.76 2.63
C VAL A 381 13.44 2.72 3.73
N ALA A 382 12.60 2.71 4.79
CA ALA A 382 12.74 1.76 5.93
C ALA A 382 12.69 0.31 5.44
N SER A 383 11.75 0.01 4.55
CA SER A 383 11.52 -1.30 3.95
C SER A 383 12.74 -1.79 3.13
N MET A 384 13.37 -0.87 2.36
CA MET A 384 14.56 -1.19 1.57
C MET A 384 15.73 -1.47 2.53
N TRP A 385 15.90 -0.66 3.60
CA TRP A 385 16.96 -0.91 4.59
C TRP A 385 16.78 -2.28 5.25
N LEU A 386 15.54 -2.62 5.58
CA LEU A 386 15.15 -3.88 6.20
C LEU A 386 15.46 -5.11 5.30
N LYS A 387 15.09 -5.06 4.00
CA LYS A 387 15.39 -6.10 2.99
C LYS A 387 16.89 -6.32 2.88
N LEU A 388 17.65 -5.22 2.76
CA LEU A 388 19.10 -5.18 2.69
C LEU A 388 19.72 -5.85 3.94
N GLY A 389 19.24 -5.45 5.14
CA GLY A 389 19.71 -5.98 6.41
C GLY A 389 19.49 -7.48 6.49
N ARG A 390 18.31 -7.92 6.11
CA ARG A 390 17.93 -9.35 6.08
C ARG A 390 18.73 -10.15 5.06
N LEU A 391 19.04 -9.53 3.90
CA LEU A 391 19.87 -10.17 2.86
C LEU A 391 21.29 -10.30 3.38
N TYR A 392 21.86 -9.20 3.94
CA TYR A 392 23.21 -9.21 4.53
C TYR A 392 23.31 -10.26 5.63
N MET A 393 22.30 -10.31 6.55
CA MET A 393 22.28 -11.29 7.65
C MET A 393 22.23 -12.71 7.12
N GLY A 394 21.33 -12.96 6.14
CA GLY A 394 21.20 -14.26 5.49
C GLY A 394 22.45 -14.73 4.79
N LEU A 395 23.25 -13.78 4.27
CA LEU A 395 24.51 -14.06 3.57
C LEU A 395 25.75 -13.97 4.47
N GLU A 396 25.55 -14.01 5.81
CA GLU A 396 26.63 -14.02 6.82
C GLU A 396 27.44 -12.71 6.93
N HIS A 397 26.92 -11.58 6.41
CA HIS A 397 27.56 -10.26 6.49
C HIS A 397 26.88 -9.49 7.62
N LYS A 398 27.12 -9.98 8.84
CA LYS A 398 26.53 -9.52 10.10
C LYS A 398 26.72 -8.07 10.51
N ALA A 399 27.92 -7.50 10.30
CA ALA A 399 28.15 -6.09 10.61
C ALA A 399 27.33 -5.17 9.68
N ALA A 400 27.36 -5.45 8.36
CA ALA A 400 26.58 -4.69 7.36
C ALA A 400 25.07 -4.87 7.61
N GLY A 401 24.66 -6.10 7.96
CA GLY A 401 23.28 -6.44 8.27
C GLY A 401 22.77 -5.67 9.47
N GLU A 402 23.56 -5.65 10.56
CA GLU A 402 23.22 -4.90 11.79
C GLU A 402 23.06 -3.38 11.52
N LYS A 403 24.00 -2.80 10.74
CA LYS A 403 23.93 -1.38 10.34
C LYS A 403 22.63 -1.08 9.56
N ALA A 404 22.29 -1.92 8.56
CA ALA A 404 21.07 -1.73 7.75
C ALA A 404 19.79 -1.92 8.57
N LEU A 405 19.78 -2.93 9.47
CA LEU A 405 18.64 -3.19 10.35
C LEU A 405 18.38 -2.03 11.32
N LYS A 406 19.45 -1.40 11.82
CA LYS A 406 19.37 -0.23 12.71
C LYS A 406 18.91 1.04 11.94
N LYS A 407 19.24 1.14 10.64
CA LYS A 407 18.74 2.22 9.78
C LYS A 407 17.22 2.05 9.62
N ALA A 408 16.74 0.80 9.41
CA ALA A 408 15.30 0.48 9.30
C ALA A 408 14.58 0.86 10.63
N ILE A 409 15.14 0.42 11.79
CA ILE A 409 14.61 0.71 13.13
C ILE A 409 14.42 2.20 13.39
N ALA A 410 15.42 3.02 13.06
CA ALA A 410 15.39 4.48 13.30
C ALA A 410 14.20 5.14 12.64
N ILE A 411 13.85 4.72 11.39
CA ILE A 411 12.67 5.24 10.69
C ILE A 411 11.39 4.66 11.31
N MET A 412 11.37 3.33 11.54
CA MET A 412 10.21 2.61 12.06
C MET A 412 9.79 3.04 13.46
N GLU A 413 10.73 3.47 14.27
CA GLU A 413 10.41 3.97 15.62
C GLU A 413 9.49 5.18 15.53
N VAL A 414 9.69 6.03 14.50
CA VAL A 414 8.85 7.19 14.25
C VAL A 414 7.50 6.76 13.68
N ALA A 415 7.52 6.01 12.55
CA ALA A 415 6.31 5.58 11.85
C ALA A 415 5.44 4.55 12.53
N HIS A 416 6.05 3.47 13.08
CA HIS A 416 5.31 2.36 13.72
C HIS A 416 5.19 2.48 15.24
N GLY A 417 5.96 3.37 15.85
CA GLY A 417 6.02 3.51 17.30
C GLY A 417 7.20 2.70 17.85
N LYS A 418 7.90 3.22 18.87
CA LYS A 418 9.06 2.54 19.50
C LYS A 418 8.79 1.11 19.97
N ASP A 419 7.55 0.86 20.43
CA ASP A 419 7.04 -0.39 21.00
C ASP A 419 6.39 -1.33 19.99
N HIS A 420 6.49 -1.04 18.68
CA HIS A 420 5.84 -1.91 17.69
C HIS A 420 6.40 -3.32 17.66
N PRO A 421 5.52 -4.36 17.60
CA PRO A 421 6.01 -5.75 17.46
C PRO A 421 7.05 -5.95 16.34
N TYR A 422 6.95 -5.21 15.19
CA TYR A 422 7.91 -5.37 14.10
C TYR A 422 9.33 -4.98 14.53
N ILE A 423 9.45 -3.95 15.38
CA ILE A 423 10.75 -3.51 15.89
C ILE A 423 11.33 -4.55 16.84
N SER A 424 10.47 -5.19 17.70
CA SER A 424 10.89 -6.25 18.61
C SER A 424 11.43 -7.42 17.79
N GLU A 425 10.79 -7.75 16.65
CA GLU A 425 11.28 -8.82 15.79
C GLU A 425 12.67 -8.46 15.21
N ILE A 426 12.85 -7.23 14.70
CA ILE A 426 14.11 -6.79 14.11
C ILE A 426 15.25 -6.81 15.13
N LYS A 427 14.99 -6.35 16.38
CA LYS A 427 15.97 -6.35 17.46
C LYS A 427 16.39 -7.78 17.80
N GLN A 428 15.43 -8.73 17.80
CA GLN A 428 15.66 -10.16 18.03
C GLN A 428 16.54 -10.72 16.89
N GLU A 429 16.35 -10.21 15.65
CA GLU A 429 17.18 -10.60 14.49
C GLU A 429 18.62 -10.12 14.69
N ILE A 430 18.82 -8.89 15.21
CA ILE A 430 20.16 -8.34 15.52
C ILE A 430 20.83 -9.20 16.63
N GLU A 431 20.08 -9.52 17.71
CA GLU A 431 20.56 -10.29 18.85
C GLU A 431 20.85 -11.78 18.59
N SER A 432 19.95 -12.49 17.85
CA SER A 432 20.10 -13.91 17.50
C SER A 432 21.26 -14.15 16.52
N HIS A 433 21.64 -13.11 15.75
CA HIS A 433 22.69 -13.14 14.72
C HIS A 433 22.35 -14.08 13.55
#